data_1PDK
#
_entry.id   1PDK
#
_cell.length_a   62.120
_cell.length_b   63.690
_cell.length_c   92.720
_cell.angle_alpha   90.00
_cell.angle_beta   90.00
_cell.angle_gamma   90.00
#
_symmetry.space_group_name_H-M   'P 21 21 21'
#
loop_
_entity.id
_entity.type
_entity.pdbx_description
1 polymer 'PROTEIN (CHAPERONE PROTEIN PAPD)'
2 polymer 'PROTEIN (PROTEIN PAPK)'
3 water water
#
loop_
_entity_poly.entity_id
_entity_poly.type
_entity_poly.pdbx_seq_one_letter_code
_entity_poly.pdbx_strand_id
1 'polypeptide(L)'
;AVSLDRTRAVFDGSEKSMTLDISNDNKQLPYLAQAWIENENQEKIITGPVIATPPVQRLEPGAKSMVRLSTTPDISKLPQ
DRESLFYFNLREIPPRSEKANVLQIALQTKIKLFYRPAAIKTRPNEVWQDQLILNKVSGGYRIENPTPYYVTVIGLGGSE
KQAEEGEFETVMLSPRSEQTVKSANYNTPYLSYINDYGGRPVLSFICNGSRCSVKKEK
;
A
2 'polypeptide(L)'
;SDVAFRGNLLDRPCHVSGDSLNKHVVFKTRASRDFWYPPGRSPTESFVIRLENCHATAVGKIVTLTFKGTEEAALPGHLK
VTGVNAGRLGIALLDTDGSSLLKPGTSHNKGQGEKVTGNSLELPFGAYVVATPEALRTKSVVPGDYEATATFELTYR
;
B
#
# COMPACT_ATOMS: atom_id res chain seq x y z
N ALA A 1 -9.86 9.29 -7.82
CA ALA A 1 -8.70 8.99 -6.92
C ALA A 1 -8.21 10.29 -6.32
N VAL A 2 -7.62 10.21 -5.12
CA VAL A 2 -7.08 11.40 -4.49
C VAL A 2 -5.55 11.33 -4.57
N SER A 3 -5.01 11.93 -5.63
CA SER A 3 -3.59 11.97 -5.99
C SER A 3 -2.55 12.47 -4.98
N LEU A 4 -1.58 11.60 -4.68
CA LEU A 4 -0.47 11.92 -3.78
C LEU A 4 0.77 12.10 -4.67
N ASP A 5 0.79 13.22 -5.38
CA ASP A 5 1.86 13.59 -6.30
C ASP A 5 3.23 12.87 -6.21
N ARG A 6 3.61 12.42 -5.01
CA ARG A 6 4.89 11.72 -4.84
C ARG A 6 4.71 10.40 -4.07
N THR A 7 5.79 9.67 -3.80
CA THR A 7 5.68 8.40 -3.11
C THR A 7 6.02 8.40 -1.61
N ARG A 8 6.56 9.50 -1.12
CA ARG A 8 6.91 9.62 0.29
C ARG A 8 6.96 11.09 0.66
N ALA A 9 7.04 11.36 1.96
CA ALA A 9 7.12 12.74 2.41
C ALA A 9 8.06 12.84 3.58
N VAL A 10 8.93 13.84 3.56
CA VAL A 10 9.84 14.02 4.68
C VAL A 10 9.38 15.29 5.41
N PHE A 11 9.27 15.17 6.72
CA PHE A 11 8.86 16.30 7.52
C PHE A 11 10.11 16.93 8.10
N ASP A 12 10.42 18.13 7.63
CA ASP A 12 11.58 18.86 8.10
C ASP A 12 11.29 19.33 9.53
N GLY A 13 11.94 18.71 10.50
CA GLY A 13 11.73 19.07 11.89
C GLY A 13 12.00 20.53 12.18
N SER A 14 12.70 21.20 11.28
CA SER A 14 12.99 22.62 11.51
C SER A 14 11.72 23.44 11.31
N GLU A 15 10.77 22.90 10.55
CA GLU A 15 9.49 23.57 10.27
C GLU A 15 8.47 23.19 11.33
N LYS A 16 7.42 24.00 11.46
CA LYS A 16 6.37 23.71 12.44
C LYS A 16 5.23 22.94 11.77
N SER A 17 5.21 22.99 10.44
CA SER A 17 4.19 22.30 9.65
C SER A 17 4.56 22.35 8.19
N MET A 18 3.89 21.51 7.41
CA MET A 18 4.10 21.46 5.97
C MET A 18 2.82 20.94 5.33
N THR A 19 2.59 21.30 4.08
CA THR A 19 1.37 20.86 3.42
C THR A 19 1.62 19.80 2.35
N LEU A 20 0.64 18.92 2.22
CA LEU A 20 0.68 17.84 1.25
C LEU A 20 -0.48 18.09 0.30
N ASP A 21 -0.20 18.06 -1.00
CA ASP A 21 -1.25 18.27 -2.00
C ASP A 21 -2.01 17.00 -2.33
N ILE A 22 -3.33 17.12 -2.46
CA ILE A 22 -4.17 15.98 -2.81
C ILE A 22 -5.20 16.44 -3.85
N SER A 23 -5.93 15.48 -4.42
CA SER A 23 -6.91 15.83 -5.43
C SER A 23 -7.79 14.66 -5.83
N ASN A 24 -9.05 14.95 -6.15
CA ASN A 24 -9.98 13.92 -6.59
C ASN A 24 -9.71 13.77 -8.09
N ASP A 25 -9.34 12.59 -8.54
CA ASP A 25 -9.05 12.41 -9.95
C ASP A 25 -10.16 11.76 -10.75
N ASN A 26 -11.25 11.42 -10.07
CA ASN A 26 -12.41 10.86 -10.75
C ASN A 26 -13.18 12.08 -11.26
N LYS A 27 -13.90 11.94 -12.37
CA LYS A 27 -14.65 13.08 -12.90
C LYS A 27 -16.15 13.01 -12.61
N GLN A 28 -16.57 12.04 -11.81
CA GLN A 28 -17.98 11.88 -11.52
C GLN A 28 -18.36 12.15 -10.06
N LEU A 29 -18.00 11.21 -9.21
CA LEU A 29 -18.31 11.24 -7.79
C LEU A 29 -17.48 12.13 -6.88
N PRO A 30 -18.14 12.88 -6.00
CA PRO A 30 -17.40 13.73 -5.08
C PRO A 30 -16.90 12.74 -4.04
N TYR A 31 -15.74 12.99 -3.45
CA TYR A 31 -15.19 12.07 -2.47
C TYR A 31 -15.04 12.66 -1.09
N LEU A 32 -15.03 11.77 -0.12
CA LEU A 32 -14.80 12.14 1.26
C LEU A 32 -13.34 11.71 1.39
N ALA A 33 -12.46 12.66 1.63
CA ALA A 33 -11.04 12.35 1.75
C ALA A 33 -10.60 12.26 3.19
N GLN A 34 -10.30 11.05 3.65
CA GLN A 34 -9.83 10.83 5.02
C GLN A 34 -8.31 10.84 5.03
N ALA A 35 -7.73 11.60 5.96
CA ALA A 35 -6.29 11.72 6.06
C ALA A 35 -5.90 11.45 7.48
N TRP A 36 -4.98 10.53 7.69
CA TRP A 36 -4.54 10.24 9.04
C TRP A 36 -3.11 9.74 9.06
N ILE A 37 -2.53 9.75 10.24
CA ILE A 37 -1.16 9.32 10.44
C ILE A 37 -1.06 8.05 11.28
N GLU A 38 -0.14 7.18 10.91
CA GLU A 38 0.09 5.95 11.65
C GLU A 38 1.53 6.00 12.13
N ASN A 39 1.86 5.25 13.18
CA ASN A 39 3.22 5.24 13.66
C ASN A 39 4.05 4.19 12.91
N GLU A 40 5.32 4.04 13.29
CA GLU A 40 6.19 3.07 12.61
C GLU A 40 5.60 1.68 12.50
N ASN A 41 4.73 1.34 13.43
CA ASN A 41 4.09 0.02 13.42
C ASN A 41 2.78 0.02 12.64
N GLN A 42 2.53 1.13 11.95
CA GLN A 42 1.33 1.30 11.15
C GLN A 42 0.02 1.32 11.95
N GLU A 43 0.09 1.79 13.19
CA GLU A 43 -1.08 1.89 14.01
C GLU A 43 -1.50 3.35 13.98
N LYS A 44 -2.77 3.58 13.73
CA LYS A 44 -3.29 4.94 13.68
C LYS A 44 -3.01 5.65 15.00
N ILE A 45 -2.65 6.93 14.90
CA ILE A 45 -2.39 7.77 16.05
C ILE A 45 -2.98 9.13 15.68
N ILE A 46 -3.94 9.58 16.47
CA ILE A 46 -4.59 10.86 16.18
C ILE A 46 -4.14 11.91 17.18
N THR A 47 -3.56 11.44 18.29
CA THR A 47 -3.06 12.31 19.36
C THR A 47 -1.79 13.08 18.98
N GLY A 48 -0.84 12.38 18.37
CA GLY A 48 0.43 12.99 17.99
C GLY A 48 1.49 11.91 18.00
N PRO A 49 2.79 12.26 17.95
CA PRO A 49 3.30 13.63 17.90
C PRO A 49 3.16 14.32 16.56
N VAL A 50 2.80 13.56 15.53
CA VAL A 50 2.60 14.16 14.21
C VAL A 50 1.11 14.11 13.90
N ILE A 51 0.57 15.26 13.48
CA ILE A 51 -0.84 15.48 13.19
C ILE A 51 -1.14 15.74 11.70
N ALA A 52 -2.35 15.34 11.28
CA ALA A 52 -2.80 15.55 9.90
C ALA A 52 -4.21 16.12 9.94
N THR A 53 -4.38 17.30 9.34
CA THR A 53 -5.69 17.96 9.32
C THR A 53 -5.97 18.65 7.98
N PRO A 54 -7.25 18.72 7.58
CA PRO A 54 -8.36 18.17 8.36
C PRO A 54 -8.37 16.66 8.24
N PRO A 55 -9.02 15.97 9.19
CA PRO A 55 -9.12 14.50 9.21
C PRO A 55 -9.96 13.99 8.06
N VAL A 56 -10.86 14.85 7.59
CA VAL A 56 -11.77 14.50 6.51
C VAL A 56 -12.20 15.80 5.84
N GLN A 57 -12.43 15.72 4.53
CA GLN A 57 -12.87 16.86 3.78
C GLN A 57 -13.54 16.38 2.52
N ARG A 58 -14.40 17.22 1.96
CA ARG A 58 -15.10 16.86 0.74
C ARG A 58 -14.34 17.35 -0.47
N LEU A 59 -14.14 16.46 -1.42
CA LEU A 59 -13.42 16.81 -2.65
C LEU A 59 -14.27 16.51 -3.85
N GLU A 60 -14.63 17.57 -4.58
CA GLU A 60 -15.46 17.43 -5.75
C GLU A 60 -14.63 16.81 -6.88
N PRO A 61 -15.28 16.19 -7.87
CA PRO A 61 -14.56 15.57 -8.98
C PRO A 61 -13.48 16.51 -9.53
N GLY A 62 -12.28 15.96 -9.72
CA GLY A 62 -11.16 16.71 -10.25
C GLY A 62 -10.70 17.90 -9.44
N ALA A 63 -11.16 18.00 -8.20
CA ALA A 63 -10.76 19.13 -7.36
C ALA A 63 -9.46 18.83 -6.63
N LYS A 64 -8.84 19.88 -6.11
CA LYS A 64 -7.62 19.71 -5.36
C LYS A 64 -7.65 20.56 -4.11
N SER A 65 -6.90 20.12 -3.12
CA SER A 65 -6.80 20.82 -1.86
C SER A 65 -5.55 20.31 -1.17
N MET A 66 -5.52 20.46 0.16
CA MET A 66 -4.37 20.03 0.91
C MET A 66 -4.73 19.40 2.25
N VAL A 67 -3.69 18.87 2.88
CA VAL A 67 -3.77 18.26 4.18
C VAL A 67 -2.55 18.88 4.84
N ARG A 68 -2.74 19.41 6.04
CA ARG A 68 -1.65 20.04 6.77
C ARG A 68 -1.04 19.07 7.78
N LEU A 69 0.28 18.91 7.69
CA LEU A 69 1.02 18.07 8.59
C LEU A 69 1.68 19.00 9.61
N SER A 70 1.39 18.77 10.89
CA SER A 70 1.97 19.58 11.94
C SER A 70 2.36 18.69 13.11
N THR A 71 3.15 19.23 14.03
CA THR A 71 3.60 18.44 15.17
C THR A 71 3.14 19.02 16.50
N THR A 72 2.95 18.15 17.49
CA THR A 72 2.56 18.60 18.81
C THR A 72 3.85 18.87 19.57
N PRO A 73 3.77 19.40 20.79
CA PRO A 73 5.00 19.67 21.55
C PRO A 73 5.81 18.40 21.85
N ASP A 74 5.10 17.30 22.10
CA ASP A 74 5.75 16.04 22.42
C ASP A 74 6.60 15.48 21.29
N ILE A 75 6.66 16.19 20.18
CA ILE A 75 7.48 15.74 19.07
C ILE A 75 8.92 15.74 19.58
N SER A 76 9.19 16.66 20.52
CA SER A 76 10.50 16.82 21.12
C SER A 76 10.96 15.55 21.81
N LYS A 77 10.02 14.65 22.13
CA LYS A 77 10.41 13.40 22.78
C LYS A 77 11.06 12.41 21.82
N LEU A 78 10.88 12.61 20.52
CA LEU A 78 11.50 11.71 19.55
C LEU A 78 13.00 11.95 19.51
N PRO A 79 13.77 10.94 19.08
CA PRO A 79 15.22 11.16 19.03
C PRO A 79 15.52 12.33 18.11
N GLN A 80 16.54 13.11 18.47
CA GLN A 80 16.91 14.28 17.70
C GLN A 80 18.11 14.04 16.78
N ASP A 81 18.63 12.82 16.78
CA ASP A 81 19.80 12.51 15.97
C ASP A 81 19.50 11.52 14.86
N ARG A 82 18.25 11.11 14.74
CA ARG A 82 17.85 10.18 13.70
C ARG A 82 16.39 10.36 13.33
N GLU A 83 16.02 9.83 12.18
CA GLU A 83 14.66 9.92 11.68
C GLU A 83 13.72 9.01 12.46
N SER A 84 12.44 9.41 12.48
CA SER A 84 11.40 8.60 13.10
C SER A 84 10.42 8.34 11.97
N LEU A 85 9.94 7.12 11.89
CA LEU A 85 9.04 6.68 10.83
C LEU A 85 7.57 6.84 11.15
N PHE A 86 6.83 7.38 10.20
CA PHE A 86 5.38 7.54 10.29
C PHE A 86 4.80 7.22 8.92
N TYR A 87 3.48 7.12 8.84
CA TYR A 87 2.83 6.86 7.56
C TYR A 87 1.66 7.80 7.35
N PHE A 88 1.56 8.34 6.15
CA PHE A 88 0.46 9.23 5.83
C PHE A 88 -0.50 8.40 4.99
N ASN A 89 -1.77 8.43 5.38
CA ASN A 89 -2.79 7.69 4.67
C ASN A 89 -3.86 8.59 4.13
N LEU A 90 -4.26 8.33 2.91
CA LEU A 90 -5.30 9.08 2.27
C LEU A 90 -6.25 8.06 1.69
N ARG A 91 -7.46 8.07 2.22
CA ARG A 91 -8.50 7.16 1.79
C ARG A 91 -9.63 8.00 1.23
N GLU A 92 -10.15 7.63 0.07
CA GLU A 92 -11.23 8.39 -0.52
C GLU A 92 -12.51 7.59 -0.47
N ILE A 93 -13.47 8.09 0.30
CA ILE A 93 -14.75 7.41 0.44
C ILE A 93 -15.77 7.97 -0.54
N PRO A 94 -16.37 7.09 -1.36
CA PRO A 94 -17.37 7.51 -2.33
C PRO A 94 -18.79 7.46 -1.73
N PRO A 95 -19.76 8.11 -2.38
CA PRO A 95 -21.13 8.08 -1.84
C PRO A 95 -21.64 6.64 -1.75
N ARG A 96 -22.38 6.32 -0.70
CA ARG A 96 -22.92 4.96 -0.53
C ARG A 96 -23.75 4.60 -1.75
N SER A 97 -23.81 3.32 -2.09
CA SER A 97 -24.59 2.86 -3.23
C SER A 97 -26.02 2.59 -2.77
N GLU A 98 -26.99 3.04 -3.56
CA GLU A 98 -28.39 2.83 -3.21
C GLU A 98 -28.74 1.37 -3.49
N LYS A 99 -28.10 0.80 -4.51
CA LYS A 99 -28.33 -0.60 -4.86
C LYS A 99 -28.22 -1.48 -3.62
N ALA A 100 -28.71 -2.70 -3.73
CA ALA A 100 -28.64 -3.64 -2.62
C ALA A 100 -27.58 -4.69 -2.96
N ASN A 101 -27.11 -5.40 -1.94
CA ASN A 101 -26.11 -6.46 -2.13
C ASN A 101 -24.92 -5.97 -2.96
N VAL A 102 -24.22 -4.97 -2.44
CA VAL A 102 -23.09 -4.39 -3.14
C VAL A 102 -21.82 -4.45 -2.32
N LEU A 103 -20.69 -4.60 -3.02
CA LEU A 103 -19.39 -4.58 -2.36
C LEU A 103 -18.86 -3.21 -2.72
N GLN A 104 -18.73 -2.35 -1.72
CA GLN A 104 -18.21 -1.00 -1.93
C GLN A 104 -16.69 -1.04 -1.77
N ILE A 105 -15.98 -0.60 -2.80
CA ILE A 105 -14.53 -0.58 -2.78
C ILE A 105 -14.08 0.86 -2.65
N ALA A 106 -13.28 1.15 -1.64
CA ALA A 106 -12.74 2.48 -1.44
C ALA A 106 -11.23 2.38 -1.72
N LEU A 107 -10.63 3.43 -2.23
CA LEU A 107 -9.21 3.41 -2.52
C LEU A 107 -8.47 4.09 -1.38
N GLN A 108 -7.29 3.60 -1.09
CA GLN A 108 -6.48 4.19 -0.04
C GLN A 108 -5.03 4.16 -0.44
N THR A 109 -4.32 5.26 -0.15
CA THR A 109 -2.91 5.35 -0.45
C THR A 109 -2.14 5.53 0.86
N LYS A 110 -1.15 4.68 1.07
CA LYS A 110 -0.31 4.78 2.26
C LYS A 110 1.11 5.10 1.81
N ILE A 111 1.66 6.20 2.29
CA ILE A 111 3.04 6.55 1.94
C ILE A 111 3.85 6.79 3.21
N LYS A 112 5.14 6.49 3.13
CA LYS A 112 6.00 6.70 4.27
C LYS A 112 6.18 8.19 4.57
N LEU A 113 6.25 8.52 5.84
CA LEU A 113 6.42 9.91 6.27
C LEU A 113 7.62 9.85 7.18
N PHE A 114 8.70 10.47 6.76
CA PHE A 114 9.92 10.46 7.54
C PHE A 114 10.03 11.72 8.39
N TYR A 115 10.05 11.56 9.70
CA TYR A 115 10.22 12.71 10.56
C TYR A 115 11.74 12.92 10.70
N ARG A 116 12.19 14.03 10.16
CA ARG A 116 13.61 14.36 10.15
C ARG A 116 13.93 15.52 11.08
N PRO A 117 14.52 15.23 12.26
CA PRO A 117 14.87 16.26 13.23
C PRO A 117 15.73 17.34 12.55
N ALA A 118 15.57 18.59 12.98
CA ALA A 118 16.32 19.70 12.40
C ALA A 118 17.83 19.42 12.37
N ALA A 119 18.31 18.70 13.37
CA ALA A 119 19.72 18.38 13.50
C ALA A 119 20.27 17.55 12.35
N ILE A 120 19.42 16.74 11.73
CA ILE A 120 19.89 15.92 10.62
C ILE A 120 19.34 16.38 9.27
N LYS A 121 18.98 17.65 9.19
CA LYS A 121 18.48 18.23 7.94
C LYS A 121 19.56 17.94 6.92
N THR A 122 19.15 17.62 5.71
CA THR A 122 20.06 17.27 4.65
C THR A 122 20.13 18.35 3.57
N ARG A 123 21.28 18.47 2.92
CA ARG A 123 21.44 19.43 1.83
C ARG A 123 20.66 18.81 0.66
N PRO A 124 19.80 19.60 0.01
CA PRO A 124 19.00 19.09 -1.12
C PRO A 124 19.78 18.20 -2.09
N ASN A 125 21.09 18.43 -2.13
CA ASN A 125 22.04 17.73 -2.99
C ASN A 125 22.66 16.48 -2.39
N GLU A 126 22.69 16.44 -1.06
CA GLU A 126 23.28 15.34 -0.31
C GLU A 126 22.78 13.92 -0.63
N VAL A 127 23.72 12.98 -0.75
CA VAL A 127 23.38 11.59 -1.02
C VAL A 127 24.02 10.72 0.04
N TRP A 128 23.29 10.47 1.13
CA TRP A 128 23.80 9.66 2.23
C TRP A 128 23.76 8.16 1.99
N GLN A 129 23.02 7.73 0.99
CA GLN A 129 22.93 6.30 0.73
C GLN A 129 24.26 5.73 0.23
N ASP A 130 25.20 6.60 -0.11
CA ASP A 130 26.50 6.10 -0.57
C ASP A 130 27.36 5.75 0.64
N GLN A 131 26.75 5.76 1.83
CA GLN A 131 27.43 5.40 3.06
C GLN A 131 27.08 3.96 3.41
N LEU A 132 26.15 3.38 2.64
CA LEU A 132 25.74 2.00 2.85
C LEU A 132 26.92 1.08 2.67
N ILE A 133 26.96 0.03 3.49
CA ILE A 133 28.05 -0.92 3.43
C ILE A 133 27.53 -2.34 3.20
N LEU A 134 28.14 -3.02 2.23
CA LEU A 134 27.76 -4.39 1.92
C LEU A 134 28.83 -5.35 2.36
N ASN A 135 28.44 -6.37 3.12
CA ASN A 135 29.37 -7.37 3.56
C ASN A 135 28.90 -8.71 3.04
N LYS A 136 29.83 -9.43 2.42
CA LYS A 136 29.51 -10.74 1.88
C LYS A 136 29.31 -11.74 3.00
N VAL A 137 28.17 -12.43 2.97
CA VAL A 137 27.88 -13.44 3.98
C VAL A 137 27.27 -14.63 3.27
N SER A 138 27.25 -15.76 3.98
CA SER A 138 26.69 -16.98 3.43
C SER A 138 25.24 -16.76 3.03
N GLY A 139 24.95 -16.89 1.74
CA GLY A 139 23.59 -16.74 1.26
C GLY A 139 23.21 -15.40 0.66
N GLY A 140 24.02 -14.39 0.91
CA GLY A 140 23.72 -13.07 0.38
C GLY A 140 24.65 -11.99 0.92
N TYR A 141 24.07 -10.84 1.25
CA TYR A 141 24.86 -9.72 1.78
C TYR A 141 24.26 -9.11 3.03
N ARG A 142 25.13 -8.64 3.92
CA ARG A 142 24.70 -7.97 5.14
C ARG A 142 24.76 -6.49 4.79
N ILE A 143 23.60 -5.86 4.68
CA ILE A 143 23.57 -4.45 4.35
C ILE A 143 23.46 -3.66 5.64
N GLU A 144 24.41 -2.77 5.83
CA GLU A 144 24.41 -1.96 7.02
C GLU A 144 24.10 -0.54 6.63
N ASN A 145 23.26 0.12 7.42
CA ASN A 145 22.89 1.49 7.16
C ASN A 145 23.35 2.32 8.34
N PRO A 146 24.58 2.85 8.27
CA PRO A 146 25.14 3.66 9.35
C PRO A 146 24.59 5.09 9.42
N THR A 147 23.75 5.46 8.46
CA THR A 147 23.19 6.80 8.44
C THR A 147 22.06 7.01 9.46
N PRO A 148 21.69 8.27 9.70
CA PRO A 148 20.62 8.64 10.63
C PRO A 148 19.25 8.51 9.96
N TYR A 149 19.22 8.04 8.72
CA TYR A 149 17.97 7.92 7.97
C TYR A 149 17.53 6.52 7.62
N TYR A 150 16.26 6.41 7.23
CA TYR A 150 15.70 5.14 6.79
C TYR A 150 16.13 5.01 5.32
N VAL A 151 16.48 3.79 4.92
CA VAL A 151 16.88 3.56 3.54
C VAL A 151 16.12 2.40 2.94
N THR A 152 15.38 2.68 1.88
CA THR A 152 14.61 1.65 1.23
C THR A 152 15.39 1.08 0.05
N VAL A 153 15.72 -0.20 0.13
CA VAL A 153 16.47 -0.88 -0.91
C VAL A 153 15.56 -1.72 -1.80
N ILE A 154 15.55 -1.41 -3.09
CA ILE A 154 14.70 -2.11 -4.04
C ILE A 154 15.44 -2.97 -5.07
N GLY A 155 16.76 -3.06 -4.97
CA GLY A 155 17.49 -3.87 -5.92
C GLY A 155 18.95 -4.09 -5.61
N LEU A 156 19.41 -5.31 -5.83
CA LEU A 156 20.81 -5.67 -5.60
C LEU A 156 21.24 -6.52 -6.79
N GLY A 157 22.24 -6.03 -7.53
CA GLY A 157 22.72 -6.75 -8.69
C GLY A 157 24.20 -6.53 -8.99
N GLY A 158 24.66 -7.12 -10.09
CA GLY A 158 26.05 -6.99 -10.49
C GLY A 158 26.25 -5.92 -11.54
N SER A 159 25.15 -5.36 -12.03
CA SER A 159 25.21 -4.32 -13.03
C SER A 159 24.03 -3.42 -12.80
N GLU A 160 24.06 -2.23 -13.39
CA GLU A 160 22.95 -1.29 -13.23
C GLU A 160 21.64 -1.92 -13.68
N LYS A 161 21.70 -2.78 -14.70
CA LYS A 161 20.50 -3.42 -15.23
C LYS A 161 19.96 -4.53 -14.34
N GLN A 162 20.86 -5.32 -13.75
CA GLN A 162 20.44 -6.40 -12.88
C GLN A 162 19.77 -5.86 -11.62
N ALA A 163 20.23 -4.70 -11.16
CA ALA A 163 19.68 -4.09 -9.96
C ALA A 163 18.26 -3.60 -10.18
N GLU A 164 17.97 -3.12 -11.39
CA GLU A 164 16.65 -2.60 -11.74
C GLU A 164 15.64 -3.71 -12.05
N GLU A 165 16.14 -4.85 -12.51
CA GLU A 165 15.29 -5.97 -12.88
C GLU A 165 15.30 -7.11 -11.88
N GLY A 166 16.45 -7.80 -11.79
CA GLY A 166 16.61 -8.92 -10.89
C GLY A 166 15.65 -9.02 -9.72
N GLU A 167 15.00 -10.18 -9.57
CA GLU A 167 14.07 -10.43 -8.47
C GLU A 167 14.67 -9.95 -7.16
N PHE A 168 13.89 -9.23 -6.37
CA PHE A 168 14.39 -8.71 -5.10
C PHE A 168 13.23 -8.16 -4.28
N GLU A 169 13.02 -8.74 -3.10
CA GLU A 169 11.96 -8.26 -2.22
C GLU A 169 12.49 -7.00 -1.52
N THR A 170 12.01 -5.84 -1.97
CA THR A 170 12.47 -4.58 -1.39
C THR A 170 12.45 -4.65 0.11
N VAL A 171 13.38 -3.98 0.74
CA VAL A 171 13.48 -4.03 2.17
C VAL A 171 13.91 -2.65 2.70
N MET A 172 13.41 -2.28 3.88
CA MET A 172 13.75 -0.99 4.45
C MET A 172 14.68 -1.16 5.63
N LEU A 173 15.69 -0.30 5.71
CA LEU A 173 16.68 -0.32 6.78
C LEU A 173 16.50 0.88 7.68
N SER A 174 16.31 0.63 8.97
CA SER A 174 16.15 1.71 9.94
C SER A 174 17.50 2.39 10.15
N PRO A 175 17.50 3.60 10.71
CA PRO A 175 18.75 4.33 10.97
C PRO A 175 19.71 3.46 11.82
N ARG A 176 21.02 3.67 11.67
CA ARG A 176 22.03 2.89 12.41
C ARG A 176 21.63 1.43 12.52
N SER A 177 21.24 0.83 11.41
CA SER A 177 20.80 -0.55 11.43
C SER A 177 21.51 -1.47 10.43
N GLU A 178 21.06 -2.72 10.41
CA GLU A 178 21.61 -3.71 9.52
C GLU A 178 20.72 -4.93 9.45
N GLN A 179 20.78 -5.62 8.31
CA GLN A 179 20.05 -6.86 8.11
C GLN A 179 20.59 -7.53 6.85
N THR A 180 20.34 -8.83 6.74
CA THR A 180 20.85 -9.56 5.60
C THR A 180 19.77 -9.88 4.59
N VAL A 181 20.14 -9.80 3.32
CA VAL A 181 19.21 -10.10 2.24
C VAL A 181 19.83 -11.21 1.40
N LYS A 182 19.01 -12.20 1.05
CA LYS A 182 19.49 -13.31 0.24
C LYS A 182 19.85 -12.79 -1.14
N SER A 183 20.98 -13.22 -1.67
CA SER A 183 21.43 -12.75 -2.98
C SER A 183 22.57 -13.56 -3.59
N ALA A 184 22.73 -13.44 -4.90
CA ALA A 184 23.81 -14.13 -5.60
C ALA A 184 25.06 -13.27 -5.40
N ASN A 185 26.23 -13.85 -5.63
CA ASN A 185 27.44 -13.06 -5.48
C ASN A 185 27.65 -12.26 -6.75
N TYR A 186 28.04 -11.00 -6.59
CA TYR A 186 28.29 -10.13 -7.73
C TYR A 186 29.66 -9.51 -7.54
N ASN A 187 30.51 -9.64 -8.55
CA ASN A 187 31.86 -9.08 -8.44
C ASN A 187 31.84 -7.59 -8.07
N THR A 188 31.03 -6.79 -8.76
CA THR A 188 30.90 -5.38 -8.43
C THR A 188 29.44 -5.08 -8.10
N PRO A 189 29.06 -5.20 -6.82
CA PRO A 189 27.67 -4.94 -6.41
C PRO A 189 27.10 -3.60 -6.83
N TYR A 190 25.86 -3.67 -7.32
CA TYR A 190 25.09 -2.50 -7.73
C TYR A 190 23.79 -2.56 -6.90
N LEU A 191 23.55 -1.52 -6.11
CA LEU A 191 22.37 -1.49 -5.26
C LEU A 191 21.45 -0.34 -5.63
N SER A 192 20.16 -0.61 -5.70
CA SER A 192 19.17 0.40 -6.05
C SER A 192 18.30 0.76 -4.83
N TYR A 193 18.03 2.04 -4.65
CA TYR A 193 17.22 2.48 -3.51
C TYR A 193 16.24 3.56 -3.95
N ILE A 194 15.36 4.01 -3.05
CA ILE A 194 14.41 5.07 -3.39
C ILE A 194 14.79 6.26 -2.53
N ASN A 195 14.97 7.43 -3.15
CA ASN A 195 15.35 8.61 -2.40
C ASN A 195 14.18 9.52 -2.03
N ASP A 196 14.50 10.58 -1.31
CA ASP A 196 13.51 11.57 -0.85
C ASP A 196 12.49 11.96 -1.91
N TYR A 197 12.92 12.01 -3.16
CA TYR A 197 12.06 12.45 -4.25
C TYR A 197 11.41 11.36 -5.09
N GLY A 198 11.60 10.10 -4.71
CA GLY A 198 11.00 9.05 -5.50
C GLY A 198 11.94 8.58 -6.61
N GLY A 199 13.10 9.22 -6.72
CA GLY A 199 14.07 8.80 -7.71
C GLY A 199 14.58 7.45 -7.25
N ARG A 200 14.86 6.57 -8.20
CA ARG A 200 15.33 5.24 -7.84
C ARG A 200 16.74 5.03 -8.40
N PRO A 201 17.74 5.69 -7.78
CA PRO A 201 19.14 5.60 -8.20
C PRO A 201 19.73 4.23 -7.90
N VAL A 202 20.86 3.94 -8.54
CA VAL A 202 21.56 2.69 -8.33
C VAL A 202 22.99 3.07 -7.93
N LEU A 203 23.53 2.34 -6.96
CA LEU A 203 24.86 2.59 -6.44
C LEU A 203 25.85 1.51 -6.84
N SER A 204 27.06 1.95 -7.16
CA SER A 204 28.15 1.08 -7.57
C SER A 204 29.03 0.80 -6.37
N PHE A 205 29.29 -0.47 -6.08
CA PHE A 205 30.14 -0.82 -4.96
C PHE A 205 31.43 -1.45 -5.43
N ILE A 206 32.49 -1.27 -4.65
CA ILE A 206 33.78 -1.86 -4.96
C ILE A 206 34.09 -2.70 -3.71
N CYS A 207 34.35 -3.99 -3.92
CA CYS A 207 34.63 -4.88 -2.80
C CYS A 207 36.10 -5.18 -2.54
N ASN A 208 36.53 -4.90 -1.32
CA ASN A 208 37.90 -5.19 -0.91
C ASN A 208 37.74 -6.49 -0.14
N GLY A 209 37.76 -7.61 -0.86
CA GLY A 209 37.58 -8.89 -0.21
C GLY A 209 36.09 -9.13 -0.05
N SER A 210 35.61 -9.20 1.19
CA SER A 210 34.18 -9.40 1.44
C SER A 210 33.47 -8.12 1.88
N ARG A 211 34.24 -7.04 2.04
CA ARG A 211 33.66 -5.76 2.46
C ARG A 211 33.61 -4.79 1.29
N CYS A 212 32.39 -4.46 0.85
CA CYS A 212 32.20 -3.56 -0.27
C CYS A 212 31.72 -2.18 0.18
N SER A 213 32.15 -1.16 -0.54
CA SER A 213 31.77 0.22 -0.24
C SER A 213 31.55 0.94 -1.56
N VAL A 214 30.84 2.06 -1.52
CA VAL A 214 30.56 2.80 -2.74
C VAL A 214 31.82 3.49 -3.24
N LYS A 215 32.06 3.41 -4.55
CA LYS A 215 33.22 4.03 -5.17
C LYS A 215 32.95 5.48 -5.54
N LEU B 9 1.23 11.16 -18.71
CA LEU B 9 2.37 11.84 -18.03
C LEU B 9 3.07 10.85 -17.10
N LEU B 10 4.39 10.90 -17.07
CA LEU B 10 5.13 9.99 -16.22
C LEU B 10 5.56 10.57 -14.88
N ASP B 11 4.78 10.24 -13.85
CA ASP B 11 5.00 10.64 -12.46
C ASP B 11 3.96 9.96 -11.55
N ARG B 12 4.39 9.58 -10.35
CA ARG B 12 3.54 8.88 -9.38
C ARG B 12 3.17 7.53 -9.99
N PRO B 13 4.04 6.53 -9.82
CA PRO B 13 3.87 5.17 -10.34
C PRO B 13 2.76 4.34 -9.75
N CYS B 14 2.25 3.43 -10.58
CA CYS B 14 1.20 2.51 -10.22
C CYS B 14 -0.02 3.12 -9.54
N HIS B 15 -0.34 4.38 -9.85
CA HIS B 15 -1.51 4.99 -9.23
C HIS B 15 -2.74 4.40 -9.89
N VAL B 16 -3.85 4.34 -9.16
CA VAL B 16 -5.07 3.79 -9.73
C VAL B 16 -5.57 4.67 -10.87
N SER B 17 -5.89 4.02 -11.98
CA SER B 17 -6.40 4.65 -13.21
C SER B 17 -7.76 5.34 -13.01
N GLY B 18 -7.99 6.42 -13.74
CA GLY B 18 -9.25 7.15 -13.62
C GLY B 18 -10.48 6.31 -13.90
N ASP B 19 -10.34 5.33 -14.79
CA ASP B 19 -11.44 4.46 -15.16
C ASP B 19 -11.77 3.43 -14.08
N SER B 20 -10.74 2.75 -13.59
CA SER B 20 -10.94 1.75 -12.54
C SER B 20 -11.02 2.42 -11.17
N LEU B 21 -11.25 3.73 -11.18
CA LEU B 21 -11.32 4.52 -9.95
C LEU B 21 -12.55 4.26 -9.07
N ASN B 22 -13.68 3.94 -9.68
CA ASN B 22 -14.91 3.68 -8.93
C ASN B 22 -15.42 2.28 -9.12
N LYS B 23 -14.83 1.35 -8.37
CA LYS B 23 -15.18 -0.06 -8.46
C LYS B 23 -16.17 -0.48 -7.40
N HIS B 24 -17.07 -1.39 -7.79
CA HIS B 24 -18.08 -1.94 -6.91
C HIS B 24 -18.77 -3.10 -7.63
N VAL B 25 -19.01 -4.18 -6.91
CA VAL B 25 -19.66 -5.32 -7.51
C VAL B 25 -21.05 -5.48 -6.93
N VAL B 26 -21.98 -5.91 -7.78
CA VAL B 26 -23.35 -6.11 -7.35
C VAL B 26 -23.69 -7.57 -7.45
N PHE B 27 -23.96 -8.21 -6.32
CA PHE B 27 -24.30 -9.62 -6.35
C PHE B 27 -25.79 -9.80 -6.58
N LYS B 28 -26.12 -10.75 -7.44
CA LYS B 28 -27.52 -11.06 -7.72
C LYS B 28 -27.71 -12.40 -7.05
N THR B 29 -28.30 -12.39 -5.86
CA THR B 29 -28.52 -13.62 -5.09
C THR B 29 -29.93 -13.79 -4.53
N ARG B 30 -30.29 -15.04 -4.29
CA ARG B 30 -31.58 -15.42 -3.71
C ARG B 30 -31.25 -16.30 -2.51
N ALA B 31 -31.88 -16.00 -1.37
CA ALA B 31 -31.63 -16.73 -0.13
C ALA B 31 -31.70 -18.25 -0.22
N SER B 32 -32.89 -18.78 -0.44
CA SER B 32 -33.09 -20.22 -0.49
C SER B 32 -32.34 -20.95 -1.60
N ARG B 33 -32.26 -20.38 -2.79
CA ARG B 33 -31.57 -21.08 -3.87
C ARG B 33 -30.05 -20.94 -3.93
N ASP B 34 -29.46 -20.10 -3.09
CA ASP B 34 -28.02 -19.90 -3.12
C ASP B 34 -27.32 -20.14 -1.79
N PHE B 35 -28.00 -19.84 -0.69
CA PHE B 35 -27.38 -19.96 0.62
C PHE B 35 -27.90 -21.03 1.54
N TRP B 36 -28.71 -21.95 1.02
CA TRP B 36 -29.27 -23.03 1.84
C TRP B 36 -28.63 -24.38 1.56
N TYR B 37 -28.13 -24.57 0.35
CA TYR B 37 -27.50 -25.84 0.00
C TYR B 37 -26.16 -25.60 -0.68
N PRO B 38 -25.21 -26.53 -0.51
CA PRO B 38 -23.90 -26.40 -1.12
C PRO B 38 -23.99 -26.01 -2.60
N PRO B 39 -23.02 -25.24 -3.10
CA PRO B 39 -21.85 -24.75 -2.36
C PRO B 39 -22.15 -23.71 -1.29
N GLY B 40 -23.29 -23.05 -1.39
CA GLY B 40 -23.64 -22.05 -0.42
C GLY B 40 -22.96 -20.73 -0.74
N ARG B 41 -22.86 -20.44 -2.03
CA ARG B 41 -22.23 -19.22 -2.47
C ARG B 41 -22.86 -18.71 -3.76
N SER B 42 -22.63 -17.45 -4.06
CA SER B 42 -23.15 -16.83 -5.26
C SER B 42 -22.07 -16.98 -6.33
N PRO B 43 -22.42 -16.66 -7.58
CA PRO B 43 -21.43 -16.78 -8.66
C PRO B 43 -20.40 -15.68 -8.43
N THR B 44 -19.20 -15.88 -8.92
CA THR B 44 -18.14 -14.89 -8.75
C THR B 44 -18.41 -13.62 -9.55
N GLU B 45 -18.42 -12.48 -8.86
CA GLU B 45 -18.59 -11.19 -9.54
C GLU B 45 -17.18 -10.67 -9.74
N SER B 46 -16.86 -10.25 -10.96
CA SER B 46 -15.53 -9.76 -11.28
C SER B 46 -15.40 -8.23 -11.40
N PHE B 47 -14.36 -7.68 -10.78
CA PHE B 47 -14.08 -6.25 -10.87
C PHE B 47 -12.58 -6.09 -11.14
N VAL B 48 -12.24 -5.13 -11.99
CA VAL B 48 -10.85 -4.94 -12.37
C VAL B 48 -10.25 -3.60 -11.95
N ILE B 49 -9.07 -3.66 -11.34
CA ILE B 49 -8.40 -2.43 -10.94
C ILE B 49 -7.17 -2.28 -11.84
N ARG B 50 -7.12 -1.17 -12.57
CA ARG B 50 -6.02 -0.89 -13.46
C ARG B 50 -5.08 0.15 -12.86
N LEU B 51 -3.80 -0.20 -12.79
CA LEU B 51 -2.79 0.71 -12.28
C LEU B 51 -2.09 1.32 -13.47
N GLU B 52 -2.00 2.65 -13.48
CA GLU B 52 -1.36 3.40 -14.56
C GLU B 52 0.13 3.60 -14.29
N ASN B 53 0.88 3.89 -15.33
CA ASN B 53 2.31 4.15 -15.16
C ASN B 53 2.89 3.09 -14.24
N CYS B 54 2.54 1.85 -14.53
CA CYS B 54 2.98 0.72 -13.72
C CYS B 54 3.42 -0.39 -14.66
N HIS B 55 4.49 -1.09 -14.28
CA HIS B 55 4.98 -2.17 -15.12
C HIS B 55 5.20 -3.49 -14.37
N ALA B 56 5.31 -4.57 -15.16
CA ALA B 56 5.49 -5.93 -14.64
C ALA B 56 6.47 -6.10 -13.48
N THR B 57 7.74 -6.25 -13.83
CA THR B 57 8.82 -6.47 -12.86
C THR B 57 8.95 -5.45 -11.75
N ALA B 58 8.33 -4.28 -11.92
CA ALA B 58 8.44 -3.24 -10.91
C ALA B 58 7.36 -3.25 -9.82
N VAL B 59 6.20 -3.84 -10.10
CA VAL B 59 5.10 -3.88 -9.13
C VAL B 59 5.57 -4.01 -7.68
N GLY B 60 5.76 -5.26 -7.23
CA GLY B 60 6.20 -5.52 -5.87
C GLY B 60 7.36 -4.68 -5.33
N LYS B 61 8.08 -3.98 -6.20
CA LYS B 61 9.20 -3.14 -5.78
C LYS B 61 8.78 -1.71 -5.48
N ILE B 62 7.70 -1.28 -6.10
CA ILE B 62 7.19 0.07 -5.92
C ILE B 62 6.02 0.17 -4.94
N VAL B 63 5.10 -0.77 -5.06
CA VAL B 63 3.92 -0.73 -4.23
C VAL B 63 3.33 -2.08 -3.89
N THR B 64 2.67 -2.15 -2.73
CA THR B 64 2.01 -3.36 -2.25
C THR B 64 0.51 -3.09 -2.37
N LEU B 65 -0.25 -4.13 -2.71
CA LEU B 65 -1.69 -3.99 -2.87
C LEU B 65 -2.42 -4.84 -1.85
N THR B 66 -3.25 -4.20 -1.02
CA THR B 66 -4.01 -4.90 0.03
C THR B 66 -5.49 -4.52 0.12
N PHE B 67 -6.34 -5.47 0.47
CA PHE B 67 -7.76 -5.17 0.67
C PHE B 67 -7.97 -5.23 2.18
N LYS B 68 -8.39 -4.12 2.76
CA LYS B 68 -8.64 -4.09 4.19
C LYS B 68 -10.16 -4.04 4.37
N GLY B 69 -10.61 -4.55 5.51
CA GLY B 69 -12.03 -4.57 5.82
C GLY B 69 -12.27 -5.40 7.05
N THR B 70 -13.47 -5.30 7.60
CA THR B 70 -13.81 -6.06 8.80
C THR B 70 -14.02 -7.53 8.45
N GLU B 71 -13.22 -8.38 9.08
CA GLU B 71 -13.28 -9.80 8.84
C GLU B 71 -14.47 -10.47 9.54
N GLU B 72 -14.98 -11.53 8.93
CA GLU B 72 -16.10 -12.26 9.50
C GLU B 72 -15.56 -13.45 10.27
N ALA B 73 -15.46 -13.27 11.59
CA ALA B 73 -14.96 -14.28 12.52
C ALA B 73 -15.35 -15.71 12.20
N ALA B 74 -16.54 -15.92 11.66
CA ALA B 74 -17.01 -17.27 11.32
C ALA B 74 -16.43 -17.78 10.01
N LEU B 75 -15.94 -16.87 9.18
CA LEU B 75 -15.34 -17.23 7.90
C LEU B 75 -14.03 -16.48 7.77
N PRO B 76 -12.98 -17.01 8.40
CA PRO B 76 -11.66 -16.36 8.35
C PRO B 76 -11.29 -16.01 6.91
N GLY B 77 -10.74 -14.82 6.71
CA GLY B 77 -10.34 -14.40 5.39
C GLY B 77 -11.44 -13.83 4.53
N HIS B 78 -12.65 -13.72 5.09
CA HIS B 78 -13.78 -13.17 4.35
C HIS B 78 -14.21 -11.87 5.00
N LEU B 79 -14.86 -11.01 4.23
CA LEU B 79 -15.35 -9.74 4.75
C LEU B 79 -16.70 -9.91 5.45
N LYS B 80 -16.91 -9.10 6.48
CA LYS B 80 -18.16 -9.13 7.21
C LYS B 80 -19.16 -8.43 6.31
N VAL B 81 -20.42 -8.74 6.48
CA VAL B 81 -21.47 -8.11 5.70
C VAL B 81 -22.37 -7.42 6.74
N THR B 82 -23.08 -6.36 6.34
CA THR B 82 -23.98 -5.67 7.26
C THR B 82 -25.43 -5.99 6.94
N GLY B 83 -26.34 -5.63 7.85
CA GLY B 83 -27.74 -5.91 7.63
C GLY B 83 -28.20 -7.15 8.37
N VAL B 84 -29.42 -7.60 8.08
CA VAL B 84 -29.98 -8.78 8.74
C VAL B 84 -29.16 -10.06 8.67
N ASN B 85 -28.37 -10.24 7.61
CA ASN B 85 -27.60 -11.46 7.49
C ASN B 85 -26.18 -11.36 8.03
N ALA B 86 -25.93 -10.31 8.81
CA ALA B 86 -24.62 -10.10 9.41
C ALA B 86 -24.29 -11.31 10.26
N GLY B 87 -23.16 -11.95 9.95
CA GLY B 87 -22.76 -13.12 10.70
C GLY B 87 -23.16 -14.41 10.03
N ARG B 88 -23.94 -14.29 8.95
CA ARG B 88 -24.42 -15.46 8.21
C ARG B 88 -23.77 -15.50 6.84
N LEU B 89 -23.51 -14.32 6.30
CA LEU B 89 -22.88 -14.18 5.00
C LEU B 89 -21.50 -13.54 5.05
N GLY B 90 -20.59 -14.07 4.24
CA GLY B 90 -19.23 -13.54 4.17
C GLY B 90 -18.88 -13.21 2.73
N ILE B 91 -17.98 -12.25 2.52
CA ILE B 91 -17.58 -11.90 1.17
C ILE B 91 -16.18 -12.43 0.92
N ALA B 92 -16.05 -13.27 -0.09
CA ALA B 92 -14.75 -13.83 -0.42
C ALA B 92 -14.12 -13.01 -1.53
N LEU B 93 -12.87 -12.63 -1.33
CA LEU B 93 -12.17 -11.88 -2.35
C LEU B 93 -11.16 -12.80 -3.02
N LEU B 94 -11.26 -12.90 -4.34
CA LEU B 94 -10.37 -13.74 -5.10
C LEU B 94 -9.27 -12.91 -5.73
N ASP B 95 -8.02 -13.34 -5.52
CA ASP B 95 -6.88 -12.63 -6.08
C ASP B 95 -6.85 -12.82 -7.59
N THR B 96 -5.94 -12.12 -8.26
CA THR B 96 -5.81 -12.18 -9.71
C THR B 96 -5.63 -13.58 -10.31
N ASP B 97 -5.07 -14.51 -9.54
CA ASP B 97 -4.87 -15.86 -10.05
C ASP B 97 -6.21 -16.60 -10.21
N GLY B 98 -7.30 -15.89 -9.91
CA GLY B 98 -8.64 -16.45 -10.04
C GLY B 98 -9.02 -17.61 -9.12
N SER B 99 -8.21 -17.90 -8.11
CA SER B 99 -8.51 -19.01 -7.20
C SER B 99 -8.18 -18.71 -5.75
N SER B 100 -6.99 -18.18 -5.53
CA SER B 100 -6.56 -17.87 -4.18
C SER B 100 -7.40 -16.82 -3.49
N LEU B 101 -7.78 -17.13 -2.25
CA LEU B 101 -8.56 -16.23 -1.44
C LEU B 101 -7.60 -15.13 -1.03
N LEU B 102 -7.94 -13.88 -1.34
CA LEU B 102 -7.12 -12.75 -0.98
C LEU B 102 -7.66 -12.30 0.37
N LYS B 103 -7.23 -12.96 1.43
CA LYS B 103 -7.69 -12.62 2.78
C LYS B 103 -7.50 -11.15 3.07
N PRO B 104 -8.40 -10.54 3.85
CA PRO B 104 -8.32 -9.12 4.22
C PRO B 104 -7.07 -8.83 5.04
N GLY B 105 -6.30 -7.83 4.63
CA GLY B 105 -5.10 -7.48 5.37
C GLY B 105 -3.85 -8.11 4.80
N THR B 106 -4.00 -9.16 4.01
CA THR B 106 -2.84 -9.80 3.41
C THR B 106 -2.63 -9.15 2.05
N SER B 107 -1.40 -9.12 1.58
CA SER B 107 -1.11 -8.50 0.28
C SER B 107 -1.37 -9.43 -0.89
N HIS B 108 -1.65 -8.80 -2.02
CA HIS B 108 -1.90 -9.50 -3.28
C HIS B 108 -0.62 -10.23 -3.71
N ASN B 109 -0.78 -11.47 -4.18
CA ASN B 109 0.36 -12.28 -4.60
C ASN B 109 0.92 -11.87 -5.95
N LYS B 110 2.15 -11.36 -5.92
CA LYS B 110 2.84 -10.90 -7.12
C LYS B 110 2.93 -11.99 -8.18
N GLY B 111 2.44 -11.66 -9.38
CA GLY B 111 2.49 -12.61 -10.46
C GLY B 111 1.16 -13.01 -11.09
N GLN B 112 0.96 -14.32 -11.14
CA GLN B 112 -0.22 -14.95 -11.72
C GLN B 112 -1.47 -14.08 -11.78
N GLY B 113 -2.09 -14.03 -12.95
CA GLY B 113 -3.31 -13.26 -13.12
C GLY B 113 -3.14 -11.86 -13.67
N GLU B 114 -2.13 -11.15 -13.22
CA GLU B 114 -1.88 -9.79 -13.68
C GLU B 114 -1.78 -9.72 -15.20
N LYS B 115 -2.29 -8.64 -15.79
CA LYS B 115 -2.23 -8.45 -17.24
C LYS B 115 -1.49 -7.15 -17.55
N VAL B 116 -0.36 -7.25 -18.27
CA VAL B 116 0.43 -6.08 -18.64
C VAL B 116 -0.08 -5.47 -19.95
N THR B 117 -1.12 -4.63 -19.85
CA THR B 117 -1.71 -4.00 -21.03
C THR B 117 -1.28 -2.54 -21.19
N GLY B 118 -0.39 -2.28 -22.14
CA GLY B 118 0.08 -0.93 -22.38
C GLY B 118 1.10 -0.46 -21.36
N ASN B 119 0.95 0.78 -20.92
CA ASN B 119 1.85 1.34 -19.91
C ASN B 119 1.27 0.99 -18.54
N SER B 120 0.05 0.46 -18.54
CA SER B 120 -0.65 0.10 -17.33
C SER B 120 -0.58 -1.38 -16.96
N LEU B 121 -1.17 -1.70 -15.82
CA LEU B 121 -1.19 -3.05 -15.28
C LEU B 121 -2.58 -3.28 -14.67
N GLU B 122 -3.39 -4.12 -15.31
CA GLU B 122 -4.73 -4.43 -14.82
C GLU B 122 -4.74 -5.60 -13.85
N LEU B 123 -5.57 -5.48 -12.81
CA LEU B 123 -5.68 -6.52 -11.80
C LEU B 123 -7.11 -7.03 -11.77
N PRO B 124 -7.34 -8.19 -12.40
CA PRO B 124 -8.68 -8.77 -12.43
C PRO B 124 -8.98 -9.54 -11.14
N PHE B 125 -9.77 -8.91 -10.27
CA PHE B 125 -10.14 -9.52 -9.00
C PHE B 125 -11.55 -10.08 -9.07
N GLY B 126 -11.84 -10.98 -8.15
CA GLY B 126 -13.16 -11.56 -8.10
C GLY B 126 -13.68 -11.54 -6.68
N ALA B 127 -14.99 -11.55 -6.54
CA ALA B 127 -15.61 -11.56 -5.22
C ALA B 127 -16.86 -12.40 -5.30
N TYR B 128 -17.19 -13.09 -4.21
CA TYR B 128 -18.41 -13.86 -4.17
C TYR B 128 -18.93 -13.91 -2.74
N VAL B 129 -20.24 -14.10 -2.60
CA VAL B 129 -20.85 -14.16 -1.27
C VAL B 129 -20.94 -15.61 -0.87
N VAL B 130 -20.73 -15.89 0.41
CA VAL B 130 -20.79 -17.26 0.89
C VAL B 130 -21.38 -17.29 2.30
N ALA B 131 -22.12 -18.35 2.59
CA ALA B 131 -22.74 -18.48 3.90
C ALA B 131 -21.81 -19.14 4.90
N THR B 132 -22.01 -18.82 6.17
CA THR B 132 -21.24 -19.43 7.23
C THR B 132 -21.61 -20.92 7.22
N PRO B 133 -20.67 -21.80 7.60
CA PRO B 133 -21.01 -23.22 7.59
C PRO B 133 -22.25 -23.50 8.45
N GLU B 134 -22.40 -22.74 9.52
CA GLU B 134 -23.54 -22.89 10.41
C GLU B 134 -24.78 -22.23 9.83
N ALA B 135 -24.60 -21.06 9.24
CA ALA B 135 -25.70 -20.37 8.62
C ALA B 135 -26.24 -21.24 7.48
N LEU B 136 -25.39 -22.13 6.96
CA LEU B 136 -25.80 -23.02 5.88
C LEU B 136 -26.48 -24.27 6.40
N ARG B 137 -25.90 -24.83 7.46
CA ARG B 137 -26.44 -26.04 8.08
C ARG B 137 -27.87 -25.77 8.59
N THR B 138 -28.05 -24.59 9.19
CA THR B 138 -29.33 -24.21 9.77
C THR B 138 -30.27 -23.49 8.80
N LYS B 139 -29.77 -23.15 7.61
CA LYS B 139 -30.56 -22.47 6.60
C LYS B 139 -31.14 -21.21 7.21
N SER B 140 -30.30 -20.50 7.96
CA SER B 140 -30.69 -19.27 8.65
C SER B 140 -30.63 -18.00 7.82
N VAL B 141 -30.00 -18.06 6.65
CA VAL B 141 -29.90 -16.87 5.81
C VAL B 141 -31.29 -16.50 5.31
N VAL B 142 -31.64 -15.25 5.53
CA VAL B 142 -32.95 -14.73 5.17
C VAL B 142 -32.99 -13.85 3.94
N PRO B 143 -34.12 -13.85 3.24
CA PRO B 143 -34.20 -13.00 2.05
C PRO B 143 -34.00 -11.59 2.59
N GLY B 144 -33.24 -10.77 1.88
CA GLY B 144 -32.99 -9.43 2.38
C GLY B 144 -31.63 -8.92 1.97
N ASP B 145 -31.50 -7.60 1.90
CA ASP B 145 -30.25 -7.01 1.48
C ASP B 145 -29.10 -7.14 2.48
N TYR B 146 -27.91 -7.02 1.94
CA TYR B 146 -26.68 -7.04 2.72
C TYR B 146 -25.75 -6.09 2.00
N GLU B 147 -24.76 -5.57 2.73
CA GLU B 147 -23.82 -4.63 2.15
C GLU B 147 -22.46 -4.92 2.77
N ALA B 148 -21.40 -4.59 2.03
CA ALA B 148 -20.05 -4.81 2.52
C ALA B 148 -19.12 -3.79 1.91
N THR B 149 -18.09 -3.42 2.66
CA THR B 149 -17.12 -2.48 2.15
C THR B 149 -15.73 -3.07 2.24
N ALA B 150 -14.87 -2.61 1.36
CA ALA B 150 -13.50 -3.08 1.34
C ALA B 150 -12.68 -1.90 0.90
N THR B 151 -11.46 -1.81 1.43
CA THR B 151 -10.56 -0.73 1.05
C THR B 151 -9.41 -1.33 0.28
N PHE B 152 -9.18 -0.82 -0.93
CA PHE B 152 -8.07 -1.26 -1.75
C PHE B 152 -6.94 -0.31 -1.36
N GLU B 153 -5.97 -0.84 -0.65
CA GLU B 153 -4.84 -0.04 -0.18
C GLU B 153 -3.55 -0.18 -0.99
N LEU B 154 -3.05 0.96 -1.45
CA LEU B 154 -1.81 1.06 -2.21
C LEU B 154 -0.76 1.49 -1.21
N THR B 155 0.18 0.61 -0.87
CA THR B 155 1.21 1.02 0.07
C THR B 155 2.54 1.17 -0.67
N TYR B 156 3.03 2.39 -0.75
CA TYR B 156 4.29 2.67 -1.44
C TYR B 156 5.56 2.41 -0.63
N ARG B 157 6.50 1.68 -1.23
CA ARG B 157 7.77 1.45 -0.56
C ARG B 157 8.51 2.78 -0.66
#